data_6WIG
#
_entry.id   6WIG
#
_cell.length_a   48.061
_cell.length_b   49.489
_cell.length_c   69.810
_cell.angle_alpha   90.000
_cell.angle_beta   106.460
_cell.angle_gamma   90.000
#
_symmetry.space_group_name_H-M   'P 1 21 1'
#
loop_
_entity.id
_entity.type
_entity.pdbx_description
1 polymer STENOFOLIA
2 polymer "DNA (5'-D(P*GP*CP*AP*AP*AP*TP*TP*AP*AP*TP*GP*AP*TP*TP*TP*AP*TP*TP*CP*AP*AP*G)-3')"
3 polymer "DNA (5'-D(P*CP*TP*TP*GP*AP*AP*TP*AP*AP*AP*TP*CP*AP*TP*TP*AP*AP*TP*TP*TP*GP*C)-3')"
4 water water
#
loop_
_entity_poly.entity_id
_entity_poly.type
_entity_poly.pdbx_seq_one_letter_code
_entity_poly.pdbx_strand_id
1 'polypeptide(L)'
;NNPSAAVVVSSRWNPTPEQLRALEELYRRGTRTPSAEQIQQITAQLRKFGKIEGKNVFYWFQNHKARERQKRRRQMESAA
AEFDSAIEKKDLGASRTVFEVEHTKN
;
A,B
2 'polydeoxyribonucleotide'
;(DG)(DC)(DA)(DA)(DA)(DT)(DT)(DA)(DA)(DT)(DG)(DA)(DT)(DT)(DT)(DA)(DT)(DT)(DC)(DA)
(DA)(DG)
;
C
3 'polydeoxyribonucleotide'
;(DC)(DT)(DT)(DG)(DA)(DA)(DT)(DA)(DA)(DA)(DT)(DC)(DA)(DT)(DT)(DA)(DA)(DT)(DT)(DT)
(DG)(DC)
;
D
#
loop_
_chem_comp.id
_chem_comp.type
_chem_comp.name
_chem_comp.formula
DA DNA linking 2'-DEOXYADENOSINE-5'-MONOPHOSPHATE 'C10 H14 N5 O6 P'
DC DNA linking 2'-DEOXYCYTIDINE-5'-MONOPHOSPHATE 'C9 H14 N3 O7 P'
DG DNA linking 2'-DEOXYGUANOSINE-5'-MONOPHOSPHATE 'C10 H14 N5 O7 P'
DT DNA linking THYMIDINE-5'-MONOPHOSPHATE 'C10 H15 N2 O8 P'
#
# COMPACT_ATOMS: atom_id res chain seq x y z
N ALA A 5 36.75 -7.77 4.42
CA ALA A 5 35.73 -8.01 5.43
C ALA A 5 34.95 -6.72 5.62
N ALA A 6 33.62 -6.76 5.47
CA ALA A 6 32.90 -5.55 5.11
C ALA A 6 31.38 -5.70 5.18
N VAL A 7 30.66 -4.58 5.21
CA VAL A 7 29.20 -4.52 5.25
C VAL A 7 28.69 -3.80 4.00
N VAL A 8 27.48 -4.15 3.61
CA VAL A 8 26.76 -3.44 2.55
C VAL A 8 25.31 -3.36 2.98
N VAL A 9 24.78 -2.15 3.03
CA VAL A 9 23.45 -1.90 3.51
C VAL A 9 22.58 -1.57 2.31
N SER A 10 21.37 -2.12 2.29
CA SER A 10 20.48 -1.96 1.17
C SER A 10 19.45 -0.88 1.47
N SER A 11 19.13 -0.09 0.46
CA SER A 11 18.03 0.87 0.57
C SER A 11 16.72 0.31 0.06
N ARG A 12 16.76 -0.77 -0.72
CA ARG A 12 15.55 -1.38 -1.23
C ARG A 12 15.70 -2.90 -1.21
N TRP A 13 14.70 -3.57 -0.65
CA TRP A 13 14.65 -5.02 -0.77
C TRP A 13 14.67 -5.41 -2.24
N ASN A 14 15.35 -6.50 -2.53
CA ASN A 14 15.32 -7.07 -3.86
C ASN A 14 15.12 -8.56 -3.67
N PRO A 15 14.18 -9.16 -4.39
CA PRO A 15 13.93 -10.59 -4.23
C PRO A 15 15.13 -11.40 -4.70
N THR A 16 15.51 -12.41 -3.92
CA THR A 16 16.42 -13.42 -4.43
C THR A 16 15.73 -14.17 -5.57
N PRO A 17 16.50 -14.75 -6.52
CA PRO A 17 15.85 -15.43 -7.67
C PRO A 17 14.79 -16.43 -7.27
N GLU A 18 14.96 -17.07 -6.10
CA GLU A 18 14.00 -18.04 -5.58
C GLU A 18 12.75 -17.35 -5.05
N GLN A 19 12.91 -16.32 -4.22
CA GLN A 19 11.75 -15.54 -3.79
C GLN A 19 10.99 -15.01 -4.99
N LEU A 20 11.72 -14.50 -5.98
CA LEU A 20 11.08 -14.01 -7.19
C LEU A 20 10.26 -15.11 -7.86
N ARG A 21 10.87 -16.28 -8.10
CA ARG A 21 10.12 -17.33 -8.78
C ARG A 21 8.88 -17.72 -7.98
N ALA A 22 9.00 -17.76 -6.66
CA ALA A 22 7.84 -18.08 -5.82
C ALA A 22 6.73 -17.05 -5.98
N LEU A 23 7.09 -15.76 -5.98
CA LEU A 23 6.07 -14.71 -6.09
C LEU A 23 5.41 -14.73 -7.45
N GLU A 24 6.20 -14.94 -8.50
CA GLU A 24 5.69 -15.05 -9.86
C GLU A 24 4.75 -16.24 -10.01
N GLU A 25 5.00 -17.30 -9.26
CA GLU A 25 4.09 -18.45 -9.38
C GLU A 25 2.84 -18.25 -8.53
N LEU A 26 2.95 -17.57 -7.38
CA LEU A 26 1.74 -17.13 -6.69
C LEU A 26 0.89 -16.25 -7.59
N TYR A 27 1.55 -15.43 -8.41
CA TYR A 27 0.82 -14.59 -9.37
C TYR A 27 0.20 -15.44 -10.47
N ARG A 28 0.92 -16.46 -10.95
CA ARG A 28 0.35 -17.31 -12.01
C ARG A 28 -0.86 -18.08 -11.49
N ARG A 29 -0.90 -18.37 -10.20
CA ARG A 29 -2.04 -19.06 -9.63
C ARG A 29 -3.20 -18.13 -9.31
N GLY A 30 -3.06 -16.83 -9.54
CA GLY A 30 -4.17 -15.90 -9.40
C GLY A 30 -4.14 -14.99 -8.19
N THR A 31 -3.05 -14.93 -7.45
CA THR A 31 -2.92 -13.97 -6.35
C THR A 31 -2.72 -12.56 -6.92
N ARG A 32 -3.49 -11.62 -6.44
CA ARG A 32 -3.38 -10.26 -7.00
C ARG A 32 -3.30 -9.18 -5.93
N THR A 33 -4.09 -9.29 -4.87
CA THR A 33 -4.03 -8.34 -3.75
C THR A 33 -4.09 -9.18 -2.48
N PRO A 34 -2.94 -9.66 -2.01
CA PRO A 34 -2.95 -10.55 -0.84
C PRO A 34 -3.61 -9.88 0.35
N SER A 35 -4.36 -10.68 1.10
CA SER A 35 -4.88 -10.20 2.36
C SER A 35 -3.75 -10.07 3.38
N ALA A 36 -4.08 -9.51 4.55
CA ALA A 36 -3.09 -9.30 5.58
C ALA A 36 -2.48 -10.62 6.05
N GLU A 37 -3.32 -11.61 6.39
CA GLU A 37 -2.78 -12.89 6.83
C GLU A 37 -2.07 -13.61 5.69
N GLN A 38 -2.57 -13.45 4.45
CA GLN A 38 -1.84 -13.98 3.30
C GLN A 38 -0.46 -13.36 3.21
N ILE A 39 -0.39 -12.03 3.31
CA ILE A 39 0.89 -11.33 3.28
C ILE A 39 1.82 -11.91 4.33
N GLN A 40 1.32 -12.10 5.55
CA GLN A 40 2.17 -12.55 6.65
C GLN A 40 2.65 -13.98 6.43
N GLN A 41 1.78 -14.84 5.91
CA GLN A 41 2.15 -16.24 5.76
C GLN A 41 3.15 -16.39 4.61
N ILE A 42 2.87 -15.74 3.48
CA ILE A 42 3.82 -15.71 2.36
C ILE A 42 5.18 -15.23 2.83
N THR A 43 5.18 -14.13 3.59
CA THR A 43 6.42 -13.58 4.11
C THR A 43 7.15 -14.60 4.97
N ALA A 44 6.41 -15.29 5.85
CA ALA A 44 7.04 -16.26 6.71
C ALA A 44 7.70 -17.36 5.91
N GLN A 45 7.09 -17.73 4.77
CA GLN A 45 7.71 -18.78 3.97
C GLN A 45 8.90 -18.27 3.18
N LEU A 46 8.77 -17.11 2.53
CA LEU A 46 9.85 -16.59 1.69
C LEU A 46 11.05 -16.14 2.50
N ARG A 47 10.87 -15.95 3.81
CA ARG A 47 12.02 -15.61 4.63
C ARG A 47 13.04 -16.73 4.70
N LYS A 48 12.68 -17.91 4.22
CA LYS A 48 13.56 -19.06 4.22
C LYS A 48 14.53 -18.98 3.10
N PHE A 49 14.21 -18.19 2.09
CA PHE A 49 15.10 -18.06 0.96
C PHE A 49 16.03 -16.89 1.18
N GLY A 50 15.68 -16.06 2.15
CA GLY A 50 16.46 -14.88 2.42
C GLY A 50 15.61 -13.78 2.98
N LYS A 51 16.18 -12.60 3.01
CA LYS A 51 15.57 -11.41 3.55
C LYS A 51 14.28 -10.95 2.85
N ILE A 52 13.26 -10.69 3.64
CA ILE A 52 11.98 -10.26 3.07
C ILE A 52 11.04 -9.91 4.21
N GLU A 53 10.21 -8.91 4.00
CA GLU A 53 9.29 -8.52 5.05
C GLU A 53 7.96 -8.15 4.42
N GLY A 54 6.95 -8.00 5.28
CA GLY A 54 5.57 -7.93 4.81
C GLY A 54 5.33 -6.84 3.79
N LYS A 55 5.88 -5.66 4.02
CA LYS A 55 5.61 -4.57 3.09
C LYS A 55 6.21 -4.86 1.73
N ASN A 56 7.28 -5.67 1.68
CA ASN A 56 7.90 -6.04 0.42
C ASN A 56 6.94 -6.85 -0.44
N VAL A 57 6.24 -7.81 0.19
CA VAL A 57 5.22 -8.60 -0.50
C VAL A 57 4.06 -7.72 -0.95
N PHE A 58 3.55 -6.88 -0.04
CA PHE A 58 2.50 -5.92 -0.37
C PHE A 58 2.83 -5.11 -1.63
N TYR A 59 3.99 -4.44 -1.60
CA TYR A 59 4.39 -3.63 -2.76
C TYR A 59 4.60 -4.50 -3.98
N TRP A 60 5.23 -5.67 -3.83
CA TRP A 60 5.52 -6.50 -5.00
C TRP A 60 4.25 -6.78 -5.79
N PHE A 61 3.16 -7.12 -5.11
CA PHE A 61 1.95 -7.42 -5.86
C PHE A 61 1.31 -6.16 -6.44
N GLN A 62 1.33 -5.03 -5.72
CA GLN A 62 0.82 -3.80 -6.34
C GLN A 62 1.59 -3.47 -7.63
N ASN A 63 2.91 -3.39 -7.51
CA ASN A 63 3.73 -3.00 -8.64
C ASN A 63 3.62 -4.00 -9.78
N HIS A 64 3.60 -5.29 -9.46
CA HIS A 64 3.49 -6.27 -10.53
C HIS A 64 2.17 -6.14 -11.26
N LYS A 65 1.07 -5.90 -10.53
CA LYS A 65 -0.24 -5.78 -11.19
C LYS A 65 -0.26 -4.57 -12.11
N ALA A 66 0.22 -3.46 -11.61
CA ALA A 66 0.27 -2.25 -12.41
C ALA A 66 1.15 -2.40 -13.63
N ARG A 67 2.31 -2.99 -13.46
CA ARG A 67 3.20 -3.16 -14.58
C ARG A 67 2.66 -4.15 -15.61
N GLU A 68 1.99 -5.18 -15.17
CA GLU A 68 1.39 -6.09 -16.15
C GLU A 68 0.33 -5.37 -16.96
N ARG A 69 -0.47 -4.54 -16.33
CA ARG A 69 -1.48 -3.80 -17.02
C ARG A 69 -0.85 -2.88 -18.03
N GLN A 70 0.17 -2.17 -17.63
CA GLN A 70 0.84 -1.23 -18.52
C GLN A 70 1.56 -1.95 -19.65
N LYS A 71 2.22 -3.07 -19.33
CA LYS A 71 2.86 -3.90 -20.33
C LYS A 71 1.86 -4.37 -21.37
N ARG A 72 0.77 -4.95 -20.90
CA ARG A 72 -0.26 -5.47 -21.80
C ARG A 72 -0.93 -4.37 -22.60
N ARG A 73 -0.95 -3.16 -22.09
CA ARG A 73 -1.48 -2.05 -22.82
C ARG A 73 -0.49 -1.64 -23.88
N ARG A 74 0.79 -1.67 -23.57
CA ARG A 74 1.76 -1.27 -24.56
C ARG A 74 2.04 -2.39 -25.57
N GLN A 75 1.58 -3.63 -25.30
CA GLN A 75 1.65 -4.69 -26.31
C GLN A 75 0.54 -4.53 -27.33
N MET A 76 -0.51 -3.84 -26.90
CA MET A 76 -1.64 -3.58 -27.76
C MET A 76 -1.39 -2.47 -28.78
N GLU A 77 -0.60 -1.47 -28.42
CA GLU A 77 -0.27 -0.39 -29.36
C GLU A 77 0.51 -0.92 -30.57
N SER A 78 1.19 -2.05 -30.40
CA SER A 78 1.96 -2.66 -31.48
C SER A 78 1.07 -3.15 -32.61
N ALA A 79 -0.18 -3.52 -32.30
CA ALA A 79 -1.22 -3.80 -33.29
C ALA A 79 -0.83 -4.95 -34.22
N ALA A 80 -0.60 -6.12 -33.62
CA ALA A 80 -0.38 -7.37 -34.35
C ALA A 80 0.88 -7.30 -35.19
N ALA A 81 1.97 -6.88 -34.56
CA ALA A 81 3.25 -6.78 -35.25
C ALA A 81 3.69 -8.16 -35.76
N GLU A 82 3.57 -9.19 -34.92
CA GLU A 82 4.10 -10.50 -35.31
C GLU A 82 3.37 -11.07 -36.52
N PHE A 83 2.05 -10.95 -36.57
CA PHE A 83 1.32 -11.53 -37.68
C PHE A 83 1.52 -10.73 -38.96
N ASP A 84 1.34 -9.40 -38.89
CA ASP A 84 1.43 -8.56 -40.07
C ASP A 84 2.81 -8.57 -40.72
N SER A 85 3.86 -8.91 -39.97
CA SER A 85 5.21 -8.91 -40.51
C SER A 85 5.82 -10.28 -40.67
N ALA A 86 5.43 -11.26 -39.84
CA ALA A 86 6.09 -12.56 -39.87
C ALA A 86 5.28 -13.67 -40.54
N ILE A 87 3.96 -13.65 -40.51
CA ILE A 87 3.18 -14.80 -40.98
C ILE A 87 2.67 -14.60 -42.41
N GLU A 88 1.98 -13.50 -42.69
CA GLU A 88 1.44 -13.25 -44.04
C GLU A 88 2.51 -13.32 -45.14
N VAL B 8 -28.80 -1.24 15.26
CA VAL B 8 -27.78 -1.04 14.23
C VAL B 8 -26.38 -1.00 14.85
N VAL B 9 -25.44 -1.66 14.19
CA VAL B 9 -24.04 -1.71 14.64
C VAL B 9 -23.17 -1.19 13.49
N SER B 10 -21.89 -0.99 13.79
CA SER B 10 -20.97 -0.26 12.93
C SER B 10 -20.24 -1.19 11.98
N SER B 11 -20.22 -0.82 10.70
CA SER B 11 -19.34 -1.47 9.73
C SER B 11 -18.17 -0.58 9.31
N ARG B 12 -18.33 0.73 9.35
CA ARG B 12 -17.23 1.66 9.12
C ARG B 12 -17.09 2.59 10.32
N TRP B 13 -15.86 2.94 10.64
CA TRP B 13 -15.60 3.84 11.75
C TRP B 13 -16.15 5.23 11.44
N ASN B 14 -16.49 5.96 12.50
CA ASN B 14 -16.80 7.37 12.35
C ASN B 14 -16.27 8.12 13.56
N PRO B 15 -15.62 9.26 13.36
CA PRO B 15 -15.02 9.99 14.48
C PRO B 15 -16.07 10.38 15.51
N THR B 16 -15.74 10.19 16.78
CA THR B 16 -16.52 10.82 17.84
C THR B 16 -16.37 12.35 17.70
N PRO B 17 -17.37 13.13 18.11
CA PRO B 17 -17.31 14.59 17.83
C PRO B 17 -16.06 15.26 18.39
N GLU B 18 -15.42 14.64 19.39
CA GLU B 18 -14.17 15.10 19.97
C GLU B 18 -12.95 14.64 19.19
N GLN B 19 -12.89 13.36 18.81
CA GLN B 19 -11.83 12.92 17.92
C GLN B 19 -11.79 13.78 16.67
N LEU B 20 -12.97 14.18 16.19
CA LEU B 20 -13.06 15.06 15.04
C LEU B 20 -12.36 16.39 15.31
N ARG B 21 -12.68 17.06 16.41
CA ARG B 21 -12.05 18.37 16.65
C ARG B 21 -10.55 18.22 16.86
N ALA B 22 -10.10 17.09 17.42
CA ALA B 22 -8.67 16.93 17.65
C ALA B 22 -7.93 16.65 16.34
N LEU B 23 -8.49 15.78 15.50
CA LEU B 23 -7.91 15.57 14.17
C LEU B 23 -7.88 16.87 13.38
N GLU B 24 -8.95 17.67 13.48
CA GLU B 24 -8.93 18.95 12.78
C GLU B 24 -7.83 19.86 13.33
N GLU B 25 -7.74 19.99 14.65
CA GLU B 25 -6.68 20.82 15.22
C GLU B 25 -5.29 20.36 14.76
N LEU B 26 -5.05 19.05 14.74
CA LEU B 26 -3.77 18.54 14.25
C LEU B 26 -3.53 18.98 12.81
N TYR B 27 -4.57 18.91 11.97
CA TYR B 27 -4.41 19.35 10.59
C TYR B 27 -4.11 20.84 10.50
N ARG B 28 -4.79 21.68 11.30
CA ARG B 28 -4.49 23.11 11.27
C ARG B 28 -3.06 23.39 11.71
N ARG B 29 -2.57 22.68 12.72
CA ARG B 29 -1.23 22.96 13.21
C ARG B 29 -0.13 22.32 12.38
N GLY B 30 -0.47 21.70 11.24
CA GLY B 30 0.52 21.29 10.27
C GLY B 30 0.62 19.80 10.04
N THR B 31 0.02 18.97 10.88
CA THR B 31 0.03 17.54 10.64
C THR B 31 -0.90 17.24 9.47
N ARG B 32 -0.32 16.82 8.35
CA ARG B 32 -1.07 16.57 7.13
C ARG B 32 -0.79 15.19 6.54
N THR B 33 0.47 14.79 6.53
CA THR B 33 0.91 13.46 6.08
C THR B 33 1.72 12.86 7.21
N PRO B 34 1.09 12.46 8.29
CA PRO B 34 1.83 11.93 9.43
C PRO B 34 2.48 10.59 9.11
N SER B 35 3.61 10.36 9.75
CA SER B 35 4.38 9.14 9.60
C SER B 35 3.76 8.01 10.42
N ALA B 36 4.25 6.80 10.14
CA ALA B 36 3.79 5.61 10.86
C ALA B 36 3.83 5.82 12.37
N GLU B 37 4.99 6.21 12.84
CA GLU B 37 5.22 6.43 14.23
C GLU B 37 4.22 7.38 14.85
N GLN B 38 4.09 8.54 14.24
CA GLN B 38 3.17 9.59 14.67
C GLN B 38 1.76 9.11 14.60
N ILE B 39 1.45 8.40 13.53
CA ILE B 39 0.09 7.85 13.41
C ILE B 39 -0.22 7.01 14.63
N GLN B 40 0.72 6.17 15.05
CA GLN B 40 0.49 5.37 16.24
C GLN B 40 0.40 6.24 17.48
N GLN B 41 1.20 7.30 17.53
CA GLN B 41 1.10 8.27 18.63
C GLN B 41 -0.29 8.88 18.68
N ILE B 42 -0.79 9.34 17.52
CA ILE B 42 -2.09 10.00 17.49
C ILE B 42 -3.19 9.03 17.89
N THR B 43 -3.15 7.81 17.35
CA THR B 43 -4.15 6.81 17.67
C THR B 43 -4.18 6.51 19.15
N ALA B 44 -3.00 6.44 19.77
CA ALA B 44 -2.94 6.26 21.21
C ALA B 44 -3.79 7.32 21.92
N GLN B 45 -3.57 8.59 21.59
CA GLN B 45 -4.24 9.69 22.29
C GLN B 45 -5.74 9.71 22.00
N LEU B 46 -6.15 9.52 20.76
CA LEU B 46 -7.55 9.68 20.43
C LEU B 46 -8.44 8.55 20.95
N ARG B 47 -7.90 7.48 21.52
CA ARG B 47 -8.77 6.41 22.01
C ARG B 47 -9.36 6.70 23.39
N LYS B 48 -8.79 7.65 24.13
CA LYS B 48 -9.51 8.13 25.30
C LYS B 48 -10.93 8.52 24.93
N PHE B 49 -11.10 9.11 23.73
CA PHE B 49 -12.38 9.63 23.27
C PHE B 49 -13.21 8.60 22.50
N GLY B 50 -12.80 7.33 22.48
CA GLY B 50 -13.61 6.30 21.86
C GLY B 50 -12.83 5.42 20.89
N LYS B 51 -13.57 4.64 20.10
CA LYS B 51 -12.98 3.63 19.22
C LYS B 51 -12.30 4.29 18.01
N ILE B 52 -11.14 3.73 17.64
CA ILE B 52 -10.32 4.24 16.56
C ILE B 52 -9.10 3.35 16.37
N GLU B 53 -8.62 3.17 15.15
CA GLU B 53 -7.35 2.48 15.00
C GLU B 53 -6.46 3.26 14.03
N GLY B 54 -5.23 2.79 13.90
CA GLY B 54 -4.25 3.48 13.07
C GLY B 54 -4.75 3.69 11.65
N LYS B 55 -5.52 2.73 11.14
CA LYS B 55 -6.03 2.81 9.78
C LYS B 55 -7.03 3.95 9.64
N ASN B 56 -7.85 4.17 10.67
CA ASN B 56 -8.78 5.28 10.65
C ASN B 56 -8.04 6.61 10.59
N VAL B 57 -6.95 6.75 11.35
CA VAL B 57 -6.22 8.00 11.40
C VAL B 57 -5.52 8.25 10.05
N PHE B 58 -4.85 7.22 9.54
CA PHE B 58 -4.14 7.37 8.26
C PHE B 58 -5.11 7.78 7.15
N TYR B 59 -6.26 7.09 7.04
CA TYR B 59 -7.24 7.45 6.01
C TYR B 59 -7.83 8.83 6.26
N TRP B 60 -8.06 9.18 7.52
CA TRP B 60 -8.69 10.48 7.77
C TRP B 60 -7.81 11.59 7.24
N PHE B 61 -6.49 11.52 7.49
CA PHE B 61 -5.63 12.58 6.95
C PHE B 61 -5.56 12.53 5.43
N GLN B 62 -5.50 11.33 4.84
CA GLN B 62 -5.48 11.23 3.37
C GLN B 62 -6.71 11.90 2.75
N ASN B 63 -7.90 11.53 3.23
CA ASN B 63 -9.14 12.01 2.62
C ASN B 63 -9.34 13.49 2.92
N HIS B 64 -9.05 13.92 4.14
CA HIS B 64 -9.18 15.34 4.48
C HIS B 64 -8.32 16.20 3.56
N LYS B 65 -7.04 15.85 3.46
CA LYS B 65 -6.10 16.57 2.62
C LYS B 65 -6.55 16.59 1.17
N ALA B 66 -7.00 15.44 0.66
CA ALA B 66 -7.44 15.38 -0.74
C ALA B 66 -8.65 16.28 -0.98
N ARG B 67 -9.64 16.27 -0.07
CA ARG B 67 -10.87 17.01 -0.28
C ARG B 67 -10.75 18.49 0.07
N GLU B 68 -9.82 18.88 0.95
CA GLU B 68 -9.49 20.30 1.11
C GLU B 68 -8.76 20.81 -0.12
N ARG B 69 -7.92 19.98 -0.73
CA ARG B 69 -7.36 20.38 -2.02
C ARG B 69 -8.50 20.63 -3.02
N GLN B 70 -9.47 19.71 -3.06
CA GLN B 70 -10.60 19.86 -3.98
C GLN B 70 -11.38 21.14 -3.72
N LYS B 71 -11.58 21.49 -2.45
CA LYS B 71 -12.42 22.65 -2.14
C LYS B 71 -11.68 23.95 -2.35
N ARG B 72 -10.40 24.01 -1.96
CA ARG B 72 -9.73 25.29 -1.77
C ARG B 72 -8.66 25.58 -2.80
N ARG B 73 -8.24 24.59 -3.58
CA ARG B 73 -7.17 24.84 -4.53
C ARG B 73 -7.75 25.38 -5.82
N ARG B 74 -7.05 26.34 -6.41
CA ARG B 74 -7.51 27.02 -7.62
C ARG B 74 -6.70 26.54 -8.82
N GLN B 75 -7.39 26.28 -9.92
CA GLN B 75 -6.71 25.87 -11.15
C GLN B 75 -7.53 26.26 -12.37
#